data_7O2T
#
_entry.id   7O2T
#
_cell.length_a   119.788
_cell.length_b   119.788
_cell.length_c   116.499
_cell.angle_alpha   90.000
_cell.angle_beta   90.000
_cell.angle_gamma   120.000
#
_symmetry.space_group_name_H-M   'P 65 2 2'
#
loop_
_entity.id
_entity.type
_entity.pdbx_description
1 polymer 'LysR family transcriptional regulator'
2 non-polymer 2-[4-[(2S)-3-(6-chloro-4-oxoquinazolin-3-yl)-2-hydroxypropoxy]phenyl]acetonitrile
3 water water
#
_entity_poly.entity_id   1
_entity_poly.type   'polypeptide(L)'
_entity_poly.pdbx_seq_one_letter_code
;MGSSHHHHHHSSGLVPRGSHMASNLRVLLDTAIPPSFCDTVSSVLLDDFNMVSLIRTSPADSLATIKQDNAEIDIAITID
EELKISRFNQCVLGYTKAFVVAHPQHPLCNASLHSIASLANYRQISLGSRSGQHSNLLRPVSDKVLFVENFDDMLRLVEA
GVGWGIAPHYFVEERLRNGTLAVLSELYEPGGIDTKVYCYYNTALESERSFLRFLESARQRLRELGRQRFDDAPAWQPS
;
_entity_poly.pdbx_strand_id   AAA
#
loop_
_chem_comp.id
_chem_comp.type
_chem_comp.name
_chem_comp.formula
V0E non-polymer 2-[4-[(2S)-3-(6-chloro-4-oxoquinazolin-3-yl)-2-hydroxypropoxy]phenyl]acetonitrile 'C19 H16 Cl N3 O3'
#
# COMPACT_ATOMS: atom_id res chain seq x y z
N ASN A 24 12.60 7.86 -21.80
CA ASN A 24 11.66 8.51 -20.81
C ASN A 24 10.83 7.43 -20.10
N LEU A 25 11.25 7.03 -18.89
CA LEU A 25 10.53 6.06 -18.02
C LEU A 25 9.57 6.82 -17.11
N ARG A 26 8.43 6.19 -16.78
CA ARG A 26 7.38 6.74 -15.90
C ARG A 26 7.00 5.65 -14.88
N VAL A 27 7.25 5.90 -13.60
CA VAL A 27 7.06 4.92 -12.50
C VAL A 27 5.99 5.44 -11.54
N LEU A 28 5.06 4.57 -11.16
CA LEU A 28 3.96 4.86 -10.20
C LEU A 28 4.26 4.07 -8.91
N LEU A 29 4.25 4.75 -7.77
CA LEU A 29 4.39 4.13 -6.43
C LEU A 29 3.16 4.49 -5.60
N ASP A 30 2.48 3.52 -5.01
CA ASP A 30 1.29 3.84 -4.20
C ASP A 30 1.78 4.29 -2.83
N THR A 31 0.87 4.87 -2.03
CA THR A 31 1.10 5.48 -0.70
C THR A 31 1.60 4.42 0.29
N ALA A 32 1.29 3.14 0.05
CA ALA A 32 1.58 2.02 0.97
C ALA A 32 3.06 1.62 0.89
N ILE A 33 3.74 1.99 -0.20
CA ILE A 33 5.21 1.77 -0.36
C ILE A 33 5.91 2.82 0.50
N PRO A 34 6.82 2.43 1.40
CA PRO A 34 7.68 3.39 2.11
C PRO A 34 8.28 4.39 1.12
N PRO A 35 8.39 5.68 1.50
CA PRO A 35 8.89 6.69 0.58
C PRO A 35 10.39 6.38 0.38
N SER A 36 11.04 5.91 1.45
CA SER A 36 12.48 5.55 1.52
C SER A 36 12.83 4.52 0.45
N PHE A 37 11.93 3.56 0.19
CA PHE A 37 12.13 2.49 -0.83
C PHE A 37 12.63 3.13 -2.14
N CYS A 38 11.99 4.23 -2.53
CA CYS A 38 12.37 5.05 -3.71
C CYS A 38 13.88 5.29 -3.75
N ASP A 39 14.52 5.51 -2.59
CA ASP A 39 15.94 5.95 -2.48
C ASP A 39 16.83 5.05 -3.36
N THR A 40 17.07 3.79 -2.97
CA THR A 40 18.03 2.89 -3.66
C THR A 40 17.56 2.59 -5.09
N VAL A 41 16.23 2.62 -5.32
CA VAL A 41 15.58 2.28 -6.63
C VAL A 41 15.91 3.34 -7.69
N SER A 42 15.48 4.58 -7.47
CA SER A 42 15.56 5.73 -8.43
C SER A 42 17.01 6.00 -8.84
N SER A 43 17.98 5.74 -7.96
CA SER A 43 19.43 5.75 -8.28
C SER A 43 19.70 4.78 -9.44
N VAL A 44 19.17 3.55 -9.33
CA VAL A 44 19.43 2.40 -10.26
C VAL A 44 18.88 2.76 -11.63
N LEU A 45 17.60 3.14 -11.68
CA LEU A 45 16.87 3.50 -12.91
C LEU A 45 17.61 4.62 -13.64
N LEU A 46 18.14 5.58 -12.88
CA LEU A 46 18.73 6.84 -13.41
C LEU A 46 20.12 6.55 -14.01
N ASP A 47 20.79 5.49 -13.52
CA ASP A 47 22.05 4.96 -14.10
C ASP A 47 21.81 4.49 -15.54
N ASP A 48 20.63 3.90 -15.81
CA ASP A 48 20.27 3.26 -17.12
C ASP A 48 19.39 4.20 -17.95
N PHE A 49 18.34 4.78 -17.35
CA PHE A 49 17.39 5.71 -18.03
C PHE A 49 17.80 7.16 -17.75
N ASN A 50 17.53 8.05 -18.72
CA ASN A 50 18.01 9.45 -18.71
C ASN A 50 16.90 10.39 -18.21
N MET A 51 15.64 10.14 -18.56
CA MET A 51 14.48 10.78 -17.87
C MET A 51 13.65 9.71 -17.15
N VAL A 52 13.31 9.97 -15.87
CA VAL A 52 12.59 9.06 -14.94
C VAL A 52 11.59 9.88 -14.13
N SER A 53 10.30 9.78 -14.44
CA SER A 53 9.22 10.49 -13.70
C SER A 53 8.66 9.55 -12.62
N LEU A 54 8.49 10.04 -11.39
CA LEU A 54 7.93 9.29 -10.23
C LEU A 54 6.56 9.86 -9.84
N ILE A 55 5.54 9.02 -9.73
CA ILE A 55 4.11 9.39 -9.48
C ILE A 55 3.58 8.62 -8.26
N ARG A 56 2.92 9.31 -7.33
CA ARG A 56 2.24 8.69 -6.17
C ARG A 56 0.73 8.67 -6.43
N THR A 57 0.07 7.54 -6.21
CA THR A 57 -1.41 7.43 -6.09
C THR A 57 -1.76 6.68 -4.81
N SER A 58 -3.03 6.77 -4.39
CA SER A 58 -3.64 5.87 -3.37
C SER A 58 -3.46 4.44 -3.87
N PRO A 59 -3.19 3.45 -2.99
CA PRO A 59 -3.18 2.05 -3.42
C PRO A 59 -4.44 1.72 -4.22
N ALA A 60 -5.55 2.37 -3.87
CA ALA A 60 -6.90 2.13 -4.46
C ALA A 60 -7.04 2.81 -5.84
N ASP A 61 -6.04 3.54 -6.32
CA ASP A 61 -6.07 4.26 -7.63
C ASP A 61 -4.95 3.79 -8.55
N SER A 62 -4.00 3.01 -8.05
CA SER A 62 -2.77 2.60 -8.79
C SER A 62 -3.17 1.93 -10.10
N LEU A 63 -3.95 0.84 -10.04
CA LEU A 63 -4.24 -0.04 -11.20
C LEU A 63 -5.24 0.68 -12.12
N ALA A 64 -6.24 1.34 -11.55
CA ALA A 64 -7.16 2.25 -12.28
C ALA A 64 -6.35 3.16 -13.19
N THR A 65 -5.23 3.70 -12.69
CA THR A 65 -4.37 4.70 -13.38
C THR A 65 -3.65 4.09 -14.58
N ILE A 66 -3.01 2.93 -14.42
CA ILE A 66 -2.13 2.35 -15.47
C ILE A 66 -2.99 1.87 -16.64
N LYS A 67 -4.27 1.58 -16.40
CA LYS A 67 -5.23 1.06 -17.42
C LYS A 67 -5.61 2.17 -18.40
N GLN A 68 -5.75 3.42 -17.92
CA GLN A 68 -5.86 4.60 -18.80
C GLN A 68 -4.65 4.61 -19.73
N ASP A 69 -4.87 4.52 -21.05
CA ASP A 69 -3.79 4.33 -22.05
C ASP A 69 -2.96 5.61 -22.16
N ASN A 70 -3.62 6.78 -22.10
CA ASN A 70 -2.97 8.13 -22.16
C ASN A 70 -2.02 8.32 -20.97
N ALA A 71 -2.25 7.62 -19.86
CA ALA A 71 -1.42 7.67 -18.62
C ALA A 71 -0.01 7.14 -18.90
N GLU A 72 0.16 6.30 -19.93
CA GLU A 72 1.47 5.78 -20.41
C GLU A 72 2.43 5.58 -19.22
N ILE A 73 1.96 4.85 -18.19
CA ILE A 73 2.77 4.33 -17.05
C ILE A 73 3.57 3.12 -17.56
N ASP A 74 4.86 3.06 -17.25
CA ASP A 74 5.78 1.97 -17.70
C ASP A 74 5.90 0.92 -16.59
N ILE A 75 5.91 1.35 -15.32
CA ILE A 75 6.09 0.47 -14.13
C ILE A 75 5.21 0.99 -13.01
N ALA A 76 4.54 0.11 -12.29
CA ALA A 76 3.75 0.46 -11.08
C ALA A 76 4.15 -0.44 -9.91
N ILE A 77 4.58 0.17 -8.81
CA ILE A 77 4.83 -0.53 -7.52
C ILE A 77 3.61 -0.26 -6.63
N THR A 78 2.84 -1.31 -6.32
CA THR A 78 1.53 -1.20 -5.61
C THR A 78 1.22 -2.51 -4.86
N ILE A 79 0.44 -2.43 -3.78
CA ILE A 79 0.08 -3.62 -2.95
C ILE A 79 -1.15 -4.30 -3.57
N ASP A 80 -1.87 -3.58 -4.44
CA ASP A 80 -3.17 -4.02 -5.02
C ASP A 80 -2.91 -5.16 -5.99
N GLU A 81 -3.87 -6.09 -6.11
CA GLU A 81 -3.72 -7.31 -6.95
C GLU A 81 -4.90 -7.43 -7.91
N GLU A 82 -4.60 -7.79 -9.17
CA GLU A 82 -5.56 -8.25 -10.20
C GLU A 82 -4.85 -9.29 -11.07
N LEU A 83 -5.63 -10.17 -11.71
CA LEU A 83 -5.12 -11.46 -12.24
C LEU A 83 -4.53 -11.28 -13.64
N LYS A 84 -4.97 -10.28 -14.43
CA LYS A 84 -4.26 -9.91 -15.68
C LYS A 84 -4.76 -8.55 -16.19
N ILE A 85 -3.84 -7.58 -16.27
CA ILE A 85 -4.06 -6.23 -16.87
C ILE A 85 -3.53 -6.29 -18.31
N SER A 86 -4.33 -5.84 -19.28
CA SER A 86 -4.15 -6.10 -20.73
C SER A 86 -2.68 -5.97 -21.14
N ARG A 87 -2.05 -4.81 -20.91
CA ARG A 87 -0.76 -4.46 -21.55
C ARG A 87 0.42 -4.82 -20.65
N PHE A 88 0.16 -5.35 -19.45
CA PHE A 88 1.15 -5.43 -18.34
C PHE A 88 1.30 -6.86 -17.82
N ASN A 89 2.54 -7.29 -17.59
CA ASN A 89 2.86 -8.48 -16.76
C ASN A 89 3.00 -8.02 -15.30
N GLN A 90 2.96 -8.97 -14.36
CA GLN A 90 3.03 -8.75 -12.90
C GLN A 90 4.23 -9.56 -12.36
N CYS A 91 4.86 -9.11 -11.29
CA CYS A 91 5.83 -9.92 -10.49
C CYS A 91 5.89 -9.34 -9.08
N VAL A 92 6.60 -10.01 -8.18
CA VAL A 92 6.66 -9.63 -6.73
C VAL A 92 8.02 -9.01 -6.45
N LEU A 93 8.05 -7.78 -5.92
CA LEU A 93 9.27 -7.07 -5.45
C LEU A 93 9.60 -7.51 -4.03
N GLY A 94 8.57 -7.77 -3.22
CA GLY A 94 8.74 -8.28 -1.85
C GLY A 94 7.51 -8.04 -1.02
N TYR A 95 7.71 -7.91 0.28
CA TYR A 95 6.64 -7.90 1.30
C TYR A 95 6.83 -6.68 2.20
N THR A 96 5.72 -6.13 2.68
CA THR A 96 5.66 -5.01 3.64
C THR A 96 4.53 -5.33 4.61
N LYS A 97 4.58 -4.76 5.82
CA LYS A 97 3.61 -5.06 6.91
C LYS A 97 2.67 -3.86 7.08
N ALA A 98 1.38 -4.13 7.28
CA ALA A 98 0.33 -3.16 7.59
C ALA A 98 -0.38 -3.63 8.86
N PHE A 99 -0.98 -2.73 9.63
CA PHE A 99 -1.70 -3.08 10.88
C PHE A 99 -3.08 -2.44 10.89
N VAL A 100 -4.06 -3.18 11.43
CA VAL A 100 -5.35 -2.62 11.89
C VAL A 100 -5.07 -1.81 13.15
N VAL A 101 -5.54 -0.56 13.19
CA VAL A 101 -5.27 0.41 14.29
C VAL A 101 -6.56 1.13 14.66
N ALA A 102 -6.69 1.50 15.95
CA ALA A 102 -7.80 2.30 16.51
C ALA A 102 -7.29 3.22 17.63
N HIS A 103 -8.16 4.11 18.13
CA HIS A 103 -7.94 4.97 19.32
C HIS A 103 -7.70 4.07 20.53
N PRO A 104 -6.58 4.25 21.29
CA PRO A 104 -6.23 3.33 22.37
C PRO A 104 -7.42 2.88 23.23
N GLN A 105 -8.41 3.75 23.43
CA GLN A 105 -9.62 3.45 24.23
C GLN A 105 -10.82 3.23 23.30
N HIS A 106 -10.57 2.77 22.07
CA HIS A 106 -11.63 2.25 21.14
C HIS A 106 -12.28 1.06 21.83
N PRO A 107 -13.60 0.83 21.66
CA PRO A 107 -14.25 -0.36 22.22
C PRO A 107 -13.44 -1.67 22.07
N LEU A 108 -12.88 -1.91 20.88
CA LEU A 108 -12.24 -3.19 20.50
C LEU A 108 -10.76 -3.20 20.90
N CYS A 109 -10.33 -2.24 21.73
CA CYS A 109 -8.91 -2.01 22.11
C CYS A 109 -8.27 -3.28 22.71
N ASN A 110 -9.07 -4.18 23.29
CA ASN A 110 -8.58 -5.40 23.99
C ASN A 110 -7.97 -6.39 22.98
N ALA A 111 -8.32 -6.28 21.69
CA ALA A 111 -7.65 -6.93 20.54
C ALA A 111 -7.87 -8.46 20.56
N SER A 112 -8.90 -8.92 21.27
CA SER A 112 -9.30 -10.35 21.35
C SER A 112 -9.78 -10.80 19.96
N LEU A 113 -10.06 -12.10 19.81
CA LEU A 113 -10.57 -12.65 18.54
C LEU A 113 -12.04 -12.23 18.34
N HIS A 114 -12.83 -12.06 19.40
CA HIS A 114 -14.22 -11.56 19.28
C HIS A 114 -14.18 -10.09 18.81
N SER A 115 -13.28 -9.30 19.39
CA SER A 115 -12.96 -7.91 18.95
C SER A 115 -12.74 -7.90 17.42
N ILE A 116 -11.79 -8.71 16.95
CA ILE A 116 -11.29 -8.72 15.54
C ILE A 116 -12.41 -9.15 14.59
N ALA A 117 -13.25 -10.11 15.00
CA ALA A 117 -14.42 -10.57 14.20
C ALA A 117 -15.40 -9.41 14.00
N SER A 118 -15.53 -8.53 15.02
CA SER A 118 -16.55 -7.47 15.12
C SER A 118 -16.13 -6.20 14.34
N LEU A 119 -14.93 -6.17 13.75
CA LEU A 119 -14.46 -5.04 12.91
C LEU A 119 -15.47 -4.78 11.77
N ALA A 120 -16.23 -5.79 11.36
CA ALA A 120 -17.23 -5.70 10.27
C ALA A 120 -18.44 -4.86 10.69
N ASN A 121 -18.58 -4.58 12.00
CA ASN A 121 -19.75 -3.87 12.60
C ASN A 121 -19.38 -2.43 12.96
N TYR A 122 -18.13 -2.18 13.37
CA TYR A 122 -17.64 -0.86 13.85
C TYR A 122 -17.14 -0.05 12.65
N ARG A 123 -17.21 1.27 12.76
CA ARG A 123 -16.98 2.17 11.60
C ARG A 123 -15.52 2.02 11.18
N GLN A 124 -15.30 1.82 9.88
CA GLN A 124 -13.97 1.70 9.25
C GLN A 124 -13.68 2.98 8.47
N ILE A 125 -12.45 3.50 8.61
CA ILE A 125 -11.89 4.60 7.79
C ILE A 125 -11.10 3.95 6.64
N SER A 126 -11.67 3.94 5.43
CA SER A 126 -11.12 3.25 4.23
C SER A 126 -10.59 4.28 3.24
N LEU A 127 -9.63 3.90 2.40
CA LEU A 127 -9.22 4.72 1.22
C LEU A 127 -10.32 4.56 0.18
N GLY A 128 -10.83 5.67 -0.34
CA GLY A 128 -11.77 5.68 -1.48
C GLY A 128 -11.00 5.60 -2.78
N SER A 129 -11.72 5.62 -3.91
CA SER A 129 -11.17 5.42 -5.28
C SER A 129 -11.91 6.30 -6.29
N ARG A 130 -11.18 7.01 -7.15
CA ARG A 130 -11.76 7.68 -8.36
C ARG A 130 -12.81 6.76 -8.99
N SER A 131 -12.44 5.51 -9.30
CA SER A 131 -13.28 4.53 -10.01
C SER A 131 -14.45 4.05 -9.14
N GLY A 132 -14.54 4.53 -7.89
CA GLY A 132 -15.63 4.21 -6.93
C GLY A 132 -15.60 2.77 -6.47
N GLN A 133 -14.93 1.89 -7.24
CA GLN A 133 -14.89 0.42 -7.06
C GLN A 133 -13.57 0.03 -6.37
N HIS A 134 -13.53 -1.16 -5.77
CA HIS A 134 -12.36 -1.67 -4.99
C HIS A 134 -12.04 -3.12 -5.35
N SER A 135 -10.75 -3.47 -5.33
CA SER A 135 -10.27 -4.88 -5.43
C SER A 135 -10.72 -5.64 -4.18
N ASN A 136 -10.80 -6.98 -4.26
CA ASN A 136 -11.08 -7.86 -3.11
C ASN A 136 -10.14 -7.51 -1.96
N LEU A 137 -8.88 -7.20 -2.28
CA LEU A 137 -7.81 -6.93 -1.30
C LEU A 137 -8.14 -5.64 -0.53
N LEU A 138 -8.55 -4.58 -1.23
CA LEU A 138 -8.63 -3.21 -0.67
C LEU A 138 -10.07 -2.82 -0.29
N ARG A 139 -11.08 -3.56 -0.76
CA ARG A 139 -12.50 -3.28 -0.39
C ARG A 139 -12.60 -3.18 1.13
N PRO A 140 -13.41 -2.23 1.66
CA PRO A 140 -13.73 -2.20 3.09
C PRO A 140 -14.45 -3.48 3.53
N VAL A 141 -14.28 -3.84 4.80
CA VAL A 141 -14.81 -5.13 5.36
C VAL A 141 -16.10 -4.86 6.15
N SER A 142 -16.37 -3.62 6.55
CA SER A 142 -17.56 -3.24 7.37
C SER A 142 -18.60 -2.53 6.50
N ASP A 143 -19.86 -2.56 6.97
CA ASP A 143 -21.04 -1.84 6.41
C ASP A 143 -20.92 -0.34 6.72
N LYS A 144 -20.29 0.00 7.87
CA LYS A 144 -20.12 1.39 8.37
C LYS A 144 -18.75 1.92 7.90
N VAL A 145 -18.71 2.56 6.73
CA VAL A 145 -17.46 2.97 6.04
C VAL A 145 -17.40 4.50 5.91
N LEU A 146 -16.21 5.07 6.02
CA LEU A 146 -15.94 6.50 5.82
C LEU A 146 -14.67 6.68 4.97
N PHE A 147 -14.83 7.09 3.71
CA PHE A 147 -13.77 7.12 2.68
C PHE A 147 -12.87 8.36 2.82
N VAL A 148 -11.57 8.21 2.55
CA VAL A 148 -10.56 9.31 2.57
C VAL A 148 -9.59 9.10 1.40
N GLU A 149 -8.79 10.12 1.04
CA GLU A 149 -7.95 10.11 -0.19
C GLU A 149 -6.54 9.61 0.12
N ASN A 150 -6.17 9.52 1.40
CA ASN A 150 -4.80 9.12 1.82
C ASN A 150 -4.78 8.67 3.29
N PHE A 151 -3.69 8.03 3.69
CA PHE A 151 -3.51 7.43 5.04
C PHE A 151 -3.49 8.50 6.12
N ASP A 152 -2.90 9.68 5.86
CA ASP A 152 -2.82 10.78 6.86
C ASP A 152 -4.24 11.17 7.29
N ASP A 153 -5.09 11.51 6.31
CA ASP A 153 -6.54 11.77 6.53
C ASP A 153 -7.12 10.60 7.33
N MET A 154 -6.85 9.36 6.92
CA MET A 154 -7.36 8.13 7.60
C MET A 154 -6.97 8.19 9.08
N LEU A 155 -5.68 8.38 9.37
CA LEU A 155 -5.12 8.26 10.74
C LEU A 155 -5.51 9.48 11.59
N ARG A 156 -5.77 10.63 10.96
CA ARG A 156 -6.41 11.79 11.62
C ARG A 156 -7.69 11.33 12.32
N LEU A 157 -8.63 10.77 11.54
CA LEU A 157 -9.97 10.33 12.00
C LEU A 157 -9.88 9.14 12.97
N VAL A 158 -8.82 8.33 12.89
CA VAL A 158 -8.68 7.11 13.74
C VAL A 158 -8.15 7.53 15.12
N GLU A 159 -7.23 8.51 15.16
CA GLU A 159 -6.72 9.16 16.40
C GLU A 159 -7.90 9.79 17.17
N ALA A 160 -8.84 10.40 16.43
CA ALA A 160 -10.05 11.07 16.97
C ALA A 160 -11.17 10.05 17.26
N GLY A 161 -10.89 8.74 17.14
CA GLY A 161 -11.82 7.67 17.53
C GLY A 161 -13.07 7.62 16.66
N VAL A 162 -13.03 8.25 15.49
CA VAL A 162 -14.17 8.27 14.52
C VAL A 162 -14.41 6.84 14.03
N GLY A 163 -13.31 6.09 13.84
CA GLY A 163 -13.33 4.67 13.45
C GLY A 163 -11.96 4.03 13.61
N TRP A 164 -11.87 2.76 13.19
CA TRP A 164 -10.61 1.99 13.01
C TRP A 164 -10.27 2.00 11.52
N GLY A 165 -9.00 1.83 11.18
CA GLY A 165 -8.51 1.71 9.79
C GLY A 165 -7.32 0.76 9.71
N ILE A 166 -6.88 0.43 8.49
CA ILE A 166 -5.65 -0.39 8.30
C ILE A 166 -4.67 0.43 7.48
N ALA A 167 -3.42 0.52 7.93
CA ALA A 167 -2.40 1.40 7.35
C ALA A 167 -1.02 0.77 7.38
N PRO A 168 -0.14 1.14 6.44
CA PRO A 168 1.24 0.67 6.44
C PRO A 168 1.95 0.93 7.78
N HIS A 169 2.93 0.09 8.11
CA HIS A 169 3.81 0.22 9.30
C HIS A 169 4.32 1.67 9.40
N TYR A 170 4.96 2.16 8.34
CA TYR A 170 5.78 3.40 8.37
C TYR A 170 4.91 4.60 8.78
N PHE A 171 3.59 4.54 8.56
CA PHE A 171 2.63 5.60 8.96
C PHE A 171 2.38 5.54 10.47
N VAL A 172 2.03 4.36 10.97
CA VAL A 172 1.57 4.16 12.36
C VAL A 172 2.78 3.91 13.28
N GLU A 173 4.00 3.80 12.74
CA GLU A 173 5.23 3.55 13.56
C GLU A 173 5.28 4.56 14.70
N GLU A 174 5.32 5.86 14.36
CA GLU A 174 5.41 6.98 15.33
CA GLU A 174 5.43 6.97 15.34
C GLU A 174 4.25 6.90 16.32
N ARG A 175 3.02 7.04 15.81
CA ARG A 175 1.79 7.19 16.62
C ARG A 175 1.60 6.01 17.58
N LEU A 176 2.27 4.87 17.34
CA LEU A 176 2.16 3.65 18.19
C LEU A 176 3.03 3.82 19.44
N ARG A 177 4.31 4.15 19.26
CA ARG A 177 5.26 4.40 20.39
C ARG A 177 4.72 5.58 21.22
N ASN A 178 4.15 6.59 20.57
CA ASN A 178 3.54 7.79 21.20
C ASN A 178 2.29 7.40 21.99
N GLY A 179 1.83 6.15 21.90
CA GLY A 179 0.63 5.65 22.62
C GLY A 179 -0.67 6.27 22.10
N THR A 180 -0.64 7.02 20.99
CA THR A 180 -1.82 7.77 20.46
C THR A 180 -2.71 6.83 19.64
N LEU A 181 -2.20 5.63 19.29
CA LEU A 181 -2.87 4.55 18.50
C LEU A 181 -2.53 3.16 19.08
N ALA A 182 -3.47 2.22 18.95
CA ALA A 182 -3.34 0.81 19.40
C ALA A 182 -3.56 -0.14 18.21
N VAL A 183 -2.77 -1.21 18.16
CA VAL A 183 -2.86 -2.32 17.15
C VAL A 183 -3.98 -3.28 17.57
N LEU A 184 -4.78 -3.77 16.61
CA LEU A 184 -5.85 -4.77 16.86
C LEU A 184 -5.54 -6.10 16.15
N SER A 185 -4.54 -6.13 15.26
CA SER A 185 -4.34 -7.14 14.20
C SER A 185 -3.56 -8.38 14.70
N GLU A 186 -2.91 -8.30 15.86
CA GLU A 186 -1.85 -9.27 16.26
C GLU A 186 -2.39 -10.70 16.34
N LEU A 187 -3.55 -10.91 16.96
CA LEU A 187 -4.15 -12.27 17.12
C LEU A 187 -4.66 -12.77 15.76
N TYR A 188 -4.81 -11.89 14.77
CA TYR A 188 -5.17 -12.28 13.39
C TYR A 188 -3.89 -12.68 12.62
N GLU A 189 -2.91 -11.77 12.55
CA GLU A 189 -1.60 -12.05 11.91
C GLU A 189 -0.50 -11.43 12.77
N PRO A 190 0.06 -12.22 13.71
CA PRO A 190 1.14 -11.75 14.57
C PRO A 190 2.32 -11.21 13.75
N GLY A 191 2.84 -10.04 14.14
CA GLY A 191 3.95 -9.34 13.46
C GLY A 191 3.43 -8.32 12.45
N GLY A 192 2.11 -8.24 12.28
CA GLY A 192 1.46 -7.38 11.29
C GLY A 192 1.08 -8.16 10.04
N ILE A 193 0.12 -7.63 9.29
CA ILE A 193 -0.47 -8.24 8.07
C ILE A 193 0.53 -8.14 6.92
N ASP A 194 1.28 -9.21 6.68
CA ASP A 194 2.22 -9.31 5.54
C ASP A 194 1.39 -9.10 4.27
N THR A 195 1.89 -8.29 3.34
CA THR A 195 1.16 -7.93 2.10
C THR A 195 2.19 -7.74 0.98
N LYS A 196 2.00 -8.45 -0.13
CA LYS A 196 2.98 -8.46 -1.25
C LYS A 196 3.00 -7.08 -1.88
N VAL A 197 4.21 -6.57 -2.12
CA VAL A 197 4.47 -5.43 -3.05
C VAL A 197 4.67 -6.01 -4.44
N TYR A 198 3.73 -5.73 -5.34
CA TYR A 198 3.70 -6.20 -6.75
C TYR A 198 4.38 -5.16 -7.62
N CYS A 199 4.99 -5.59 -8.72
CA CYS A 199 5.52 -4.73 -9.80
C CYS A 199 4.78 -5.09 -11.10
N TYR A 200 3.87 -4.22 -11.53
CA TYR A 200 3.18 -4.30 -12.86
C TYR A 200 4.04 -3.50 -13.84
N TYR A 201 4.49 -4.14 -14.93
CA TYR A 201 5.45 -3.57 -15.90
C TYR A 201 4.95 -3.81 -17.32
N ASN A 202 4.96 -2.76 -18.14
CA ASN A 202 4.67 -2.83 -19.60
C ASN A 202 5.51 -3.96 -20.20
N THR A 203 4.90 -4.77 -21.06
CA THR A 203 5.47 -6.05 -21.57
C THR A 203 6.85 -5.80 -22.21
N ALA A 204 7.03 -4.65 -22.87
CA ALA A 204 8.29 -4.24 -23.54
C ALA A 204 9.52 -4.59 -22.69
N LEU A 205 9.43 -4.41 -21.37
CA LEU A 205 10.60 -4.42 -20.45
C LEU A 205 11.02 -5.86 -20.09
N GLU A 206 10.28 -6.89 -20.48
CA GLU A 206 10.78 -8.28 -20.43
C GLU A 206 11.87 -8.39 -21.50
N SER A 207 12.92 -9.17 -21.23
CA SER A 207 14.14 -9.23 -22.07
C SER A 207 14.62 -7.79 -22.34
N GLU A 208 14.93 -7.08 -21.26
CA GLU A 208 15.55 -5.73 -21.25
C GLU A 208 16.41 -5.64 -19.99
N ARG A 209 17.72 -5.82 -20.13
CA ARG A 209 18.66 -6.01 -18.98
C ARG A 209 18.51 -4.82 -18.02
N SER A 210 18.13 -3.64 -18.51
CA SER A 210 17.86 -2.43 -17.69
C SER A 210 16.85 -2.77 -16.58
N PHE A 211 15.73 -3.40 -16.95
CA PHE A 211 14.59 -3.72 -16.04
C PHE A 211 15.01 -4.81 -15.04
N LEU A 212 15.67 -5.87 -15.51
CA LEU A 212 16.17 -6.98 -14.63
C LEU A 212 17.14 -6.39 -13.60
N ARG A 213 17.99 -5.45 -14.04
CA ARG A 213 18.96 -4.70 -13.17
C ARG A 213 18.17 -3.99 -12.06
N PHE A 214 17.08 -3.31 -12.44
CA PHE A 214 16.15 -2.62 -11.50
C PHE A 214 15.51 -3.65 -10.56
N LEU A 215 15.04 -4.76 -11.13
CA LEU A 215 14.21 -5.76 -10.44
C LEU A 215 14.98 -6.32 -9.23
N GLU A 216 16.29 -6.57 -9.36
CA GLU A 216 17.09 -7.21 -8.29
C GLU A 216 17.34 -6.20 -7.17
N SER A 217 17.83 -5.01 -7.51
CA SER A 217 18.12 -3.90 -6.58
C SER A 217 16.84 -3.50 -5.83
N ALA A 218 15.70 -3.48 -6.52
CA ALA A 218 14.37 -3.19 -5.94
C ALA A 218 14.06 -4.23 -4.87
N ARG A 219 14.29 -5.51 -5.19
CA ARG A 219 14.06 -6.64 -4.24
C ARG A 219 15.02 -6.48 -3.07
N GLN A 220 16.32 -6.37 -3.38
CA GLN A 220 17.40 -6.12 -2.39
C GLN A 220 16.94 -4.99 -1.45
N ARG A 221 16.58 -3.85 -2.02
CA ARG A 221 16.18 -2.63 -1.26
C ARG A 221 15.05 -2.98 -0.28
N LEU A 222 14.02 -3.67 -0.75
CA LEU A 222 12.77 -3.89 0.02
C LEU A 222 12.97 -4.99 1.07
N ARG A 223 13.94 -5.88 0.87
CA ARG A 223 14.39 -6.87 1.89
C ARG A 223 14.94 -6.11 3.10
N GLU A 224 15.80 -5.12 2.86
CA GLU A 224 16.46 -4.27 3.90
C GLU A 224 15.39 -3.58 4.77
N LEU A 225 14.39 -2.96 4.15
CA LEU A 225 13.30 -2.21 4.85
C LEU A 225 12.47 -3.16 5.74
N GLY A 226 12.57 -4.48 5.55
CA GLY A 226 11.91 -5.50 6.40
C GLY A 226 12.39 -5.44 7.84
C1 V0E B . -7.47 -8.06 11.39
C2 V0E B . -7.49 -8.67 10.06
C3 V0E B . -7.99 -7.74 8.97
C4 V0E B . -9.25 -7.18 9.04
C5 V0E B . -9.72 -6.36 8.03
C7 V0E B . -8.82 -4.20 5.38
C9 V0E B . -8.78 -3.76 2.84
C11 V0E B . -4.65 -4.38 3.30
C12 V0E B . -3.28 -4.61 3.44
C13 V0E B . -2.39 -3.58 3.47
C15 V0E B . -4.18 -1.98 3.20
C16 V0E B . -5.10 -3.04 3.17
C19 V0E B . -7.22 -7.47 7.85
N1 V0E B . -7.33 -7.69 12.46
C6 V0E B . -8.92 -6.07 6.94
O1 V0E B . -9.51 -5.31 5.97
C8 V0E B . -9.60 -3.94 4.10
O2 V0E B . -10.44 -2.80 4.24
N2 V0E B . -7.32 -3.93 3.03
C10 V0E B . -6.78 -5.19 3.15
N3 V0E B . -5.53 -5.46 3.29
C14 V0E B . -2.86 -2.27 3.35
CL1 V0E B . -1.71 -0.97 3.38
C17 V0E B . -6.52 -2.79 3.02
O3 V0E B . -7.01 -1.69 2.90
C18 V0E B . -7.67 -6.65 6.83
H2 V0E B . -6.60 -8.97 9.82
H1 V0E B . -8.08 -9.44 10.07
H3 V0E B . -9.81 -7.36 9.79
H4 V0E B . -10.61 -6.03 8.07
H5 V0E B . -7.89 -4.44 5.19
H6 V0E B . -8.84 -3.42 5.97
H10 V0E B . -9.07 -4.42 2.16
H9 V0E B . -8.92 -2.84 2.49
H12 V0E B . -2.96 -5.50 3.52
H13 V0E B . -1.47 -3.75 3.57
H14 V0E B . -4.48 -1.09 3.12
H16 V0E B . -6.37 -7.86 7.77
H7 V0E B . -10.20 -4.73 3.98
H8 V0E B . -10.30 -2.27 3.58
H11 V0E B . -7.37 -5.91 3.12
H15 V0E B . -7.17 -6.52 6.04
#